data_2HMW
#
_entry.id   2HMW
#
_cell.length_a   126.280
_cell.length_b   126.280
_cell.length_c   98.612
_cell.angle_alpha   90.00
_cell.angle_beta   90.00
_cell.angle_gamma   90.00
#
_symmetry.space_group_name_H-M   'I 4 2 2'
#
loop_
_entity.id
_entity.type
_entity.pdbx_description
1 polymer 'YuaA protein'
2 non-polymer "ADENOSINE-5'-TRIPHOSPHATE"
#
_entity_poly.entity_id   1
_entity_poly.type   'polypeptide(L)'
_entity_poly.pdbx_seq_one_letter_code
;MGRIKNKQFAVIGLGRFGGSIVKELHRMGHEVLAVDINEEKVNAYASYATHAVIANATEENELLSLGIRNFEYVIVAIGA
NIQASTLTTLLLKELDIPNIWVKAQNYYHHKVLEKIGADRIIHPEKDMGVKIAQSLSDENVLNY
;
_entity_poly.pdbx_strand_id   A,B
#
# COMPACT_ATOMS: atom_id res chain seq x y z
N ASN A 6 8.13 25.31 7.61
CA ASN A 6 9.14 25.17 6.52
C ASN A 6 10.16 24.05 6.82
N LYS A 7 10.53 23.29 5.80
CA LYS A 7 11.46 22.17 5.93
C LYS A 7 10.98 21.21 7.00
N GLN A 8 9.87 20.54 6.68
CA GLN A 8 9.21 19.60 7.56
C GLN A 8 9.14 18.19 6.95
N PHE A 9 8.96 18.12 5.64
CA PHE A 9 8.88 16.84 4.96
C PHE A 9 9.82 16.72 3.75
N ALA A 10 10.58 15.64 3.68
CA ALA A 10 11.49 15.39 2.58
C ALA A 10 11.21 13.94 2.17
N VAL A 11 10.93 13.69 0.90
CA VAL A 11 10.64 12.36 0.37
C VAL A 11 11.67 11.91 -0.65
N ILE A 12 12.40 10.83 -0.34
CA ILE A 12 13.44 10.27 -1.21
C ILE A 12 12.98 9.04 -2.01
N GLY A 13 12.94 9.12 -3.34
CA GLY A 13 12.51 7.99 -4.14
C GLY A 13 11.10 8.25 -4.63
N LEU A 14 10.94 8.64 -5.89
CA LEU A 14 9.60 8.94 -6.39
C LEU A 14 8.98 7.82 -7.23
N GLY A 15 8.57 6.75 -6.56
CA GLY A 15 7.93 5.65 -7.26
C GLY A 15 6.44 5.78 -6.99
N ARG A 16 5.65 4.76 -7.32
CA ARG A 16 4.21 4.84 -7.08
C ARG A 16 3.88 5.20 -5.63
N PHE A 17 4.67 4.67 -4.69
CA PHE A 17 4.45 4.92 -3.27
C PHE A 17 4.95 6.30 -2.91
N GLY A 18 6.26 6.50 -2.98
CA GLY A 18 6.87 7.79 -2.63
C GLY A 18 6.30 9.03 -3.31
N GLY A 19 6.12 8.93 -4.63
CA GLY A 19 5.60 10.05 -5.39
C GLY A 19 4.18 10.37 -4.95
N SER A 20 3.39 9.30 -4.85
CA SER A 20 2.00 9.41 -4.44
C SER A 20 1.85 10.15 -3.12
N ILE A 21 2.89 10.12 -2.30
CA ILE A 21 2.77 10.83 -1.05
C ILE A 21 3.20 12.27 -1.23
N VAL A 22 4.00 12.56 -2.26
CA VAL A 22 4.42 13.94 -2.51
C VAL A 22 3.23 14.77 -2.99
N LYS A 23 2.43 14.17 -3.86
CA LYS A 23 1.27 14.89 -4.36
C LYS A 23 0.35 15.20 -3.18
N GLU A 24 -0.06 14.17 -2.45
CA GLU A 24 -0.98 14.38 -1.34
C GLU A 24 -0.46 15.46 -0.40
N LEU A 25 0.83 15.42 -0.11
CA LEU A 25 1.44 16.43 0.76
C LEU A 25 1.16 17.82 0.18
N HIS A 26 1.29 17.88 -1.15
CA HIS A 26 1.04 19.10 -1.92
C HIS A 26 -0.44 19.45 -1.84
N ARG A 27 -1.29 18.54 -2.27
CA ARG A 27 -2.73 18.80 -2.25
C ARG A 27 -3.23 19.34 -0.94
N MET A 28 -2.54 19.00 0.14
CA MET A 28 -3.01 19.44 1.44
C MET A 28 -2.30 20.67 1.87
N GLY A 29 -1.68 21.33 0.90
CA GLY A 29 -0.95 22.56 1.12
C GLY A 29 0.22 22.48 2.07
N HIS A 30 1.16 21.61 1.73
CA HIS A 30 2.35 21.40 2.52
C HIS A 30 3.55 21.46 1.58
N GLU A 31 4.64 22.03 2.07
CA GLU A 31 5.83 22.09 1.24
C GLU A 31 6.56 20.74 1.33
N VAL A 32 7.06 20.26 0.20
CA VAL A 32 7.76 19.00 0.20
C VAL A 32 9.01 19.00 -0.69
N LEU A 33 10.07 18.42 -0.18
CA LEU A 33 11.27 18.29 -0.97
C LEU A 33 11.26 16.85 -1.53
N ALA A 34 11.10 16.68 -2.85
CA ALA A 34 11.12 15.36 -3.50
C ALA A 34 12.46 15.16 -4.22
N VAL A 35 13.11 14.01 -4.02
CA VAL A 35 14.40 13.74 -4.63
C VAL A 35 14.43 12.36 -5.28
N ASP A 36 15.29 12.20 -6.28
CA ASP A 36 15.42 10.94 -7.00
C ASP A 36 16.50 11.02 -8.08
N ILE A 37 17.48 10.11 -8.02
CA ILE A 37 18.58 10.07 -8.99
C ILE A 37 18.10 10.20 -10.44
N ASN A 38 17.07 9.45 -10.79
CA ASN A 38 16.50 9.47 -12.13
C ASN A 38 15.84 10.84 -12.37
N GLU A 39 16.37 11.60 -13.33
CA GLU A 39 15.85 12.92 -13.64
C GLU A 39 14.44 12.93 -14.23
N GLU A 40 14.08 11.89 -14.99
CA GLU A 40 12.76 11.84 -15.58
C GLU A 40 11.70 11.77 -14.47
N LYS A 41 12.04 11.11 -13.38
CA LYS A 41 11.13 10.97 -12.24
C LYS A 41 11.03 12.31 -11.53
N VAL A 42 12.13 13.06 -11.55
CA VAL A 42 12.17 14.35 -10.90
C VAL A 42 11.30 15.37 -11.61
N ASN A 43 11.39 15.41 -12.94
CA ASN A 43 10.60 16.36 -13.70
C ASN A 43 9.13 16.06 -13.56
N ALA A 44 8.81 14.78 -13.41
CA ALA A 44 7.42 14.36 -13.30
C ALA A 44 6.68 14.90 -12.08
N TYR A 45 7.43 15.32 -11.04
CA TYR A 45 6.78 15.82 -9.83
C TYR A 45 7.19 17.23 -9.48
N ALA A 46 7.94 17.85 -10.38
CA ALA A 46 8.41 19.20 -10.15
C ALA A 46 7.23 20.14 -9.90
N SER A 47 6.07 19.79 -10.44
CA SER A 47 4.86 20.59 -10.28
C SER A 47 4.21 20.44 -8.91
N TYR A 48 4.55 19.34 -8.23
CA TYR A 48 3.97 19.03 -6.95
C TYR A 48 4.81 19.39 -5.74
N ALA A 49 6.13 19.30 -5.89
CA ALA A 49 7.01 19.58 -4.77
C ALA A 49 7.48 21.03 -4.67
N THR A 50 7.68 21.49 -3.45
CA THR A 50 8.22 22.83 -3.23
C THR A 50 9.61 22.83 -3.89
N HIS A 51 10.20 21.65 -4.03
CA HIS A 51 11.53 21.50 -4.63
C HIS A 51 11.78 20.07 -5.11
N ALA A 52 12.05 19.90 -6.40
CA ALA A 52 12.32 18.57 -6.94
C ALA A 52 13.80 18.50 -7.36
N VAL A 53 14.63 17.92 -6.50
CA VAL A 53 16.06 17.80 -6.77
C VAL A 53 16.47 16.43 -7.36
N ILE A 54 17.57 16.40 -8.10
CA ILE A 54 18.08 15.15 -8.65
C ILE A 54 19.34 14.86 -7.84
N ALA A 55 19.43 13.63 -7.31
CA ALA A 55 20.59 13.28 -6.51
C ALA A 55 20.61 11.80 -6.19
N ASN A 56 21.76 11.36 -5.67
CA ASN A 56 21.95 9.97 -5.24
C ASN A 56 21.94 10.00 -3.72
N ALA A 57 20.81 9.57 -3.12
CA ALA A 57 20.63 9.59 -1.68
C ALA A 57 21.74 8.89 -0.90
N THR A 58 22.38 7.91 -1.53
CA THR A 58 23.45 7.15 -0.90
C THR A 58 24.75 7.95 -0.80
N GLU A 59 24.87 8.97 -1.62
CA GLU A 59 26.05 9.83 -1.62
C GLU A 59 26.01 10.80 -0.43
N GLU A 60 26.78 10.49 0.61
CA GLU A 60 26.85 11.30 1.82
C GLU A 60 27.04 12.81 1.59
N ASN A 61 27.54 13.19 0.40
CA ASN A 61 27.74 14.61 0.09
C ASN A 61 26.50 15.26 -0.54
N GLU A 62 25.93 14.60 -1.54
CA GLU A 62 24.75 15.15 -2.19
C GLU A 62 23.68 15.39 -1.15
N LEU A 63 23.60 14.46 -0.19
CA LEU A 63 22.63 14.53 0.90
C LEU A 63 22.83 15.87 1.64
N LEU A 64 24.08 16.27 1.76
CA LEU A 64 24.40 17.53 2.41
C LEU A 64 24.08 18.72 1.50
N SER A 65 24.04 18.48 0.19
CA SER A 65 23.74 19.50 -0.80
C SER A 65 22.29 19.92 -0.64
N LEU A 66 21.47 18.99 -0.16
CA LEU A 66 20.05 19.27 0.03
C LEU A 66 19.69 19.71 1.44
N GLY A 67 20.70 19.98 2.27
CA GLY A 67 20.43 20.37 3.65
C GLY A 67 19.45 19.40 4.33
N ILE A 68 19.45 18.16 3.85
CA ILE A 68 18.56 17.12 4.34
C ILE A 68 18.53 17.03 5.84
N ARG A 69 19.56 17.56 6.49
CA ARG A 69 19.60 17.51 7.93
C ARG A 69 18.63 18.52 8.57
N ASN A 70 18.07 19.38 7.73
CA ASN A 70 17.17 20.41 8.21
C ASN A 70 15.70 20.00 8.16
N PHE A 71 15.45 18.73 7.85
CA PHE A 71 14.08 18.25 7.79
C PHE A 71 13.69 17.39 8.98
N GLU A 72 12.50 17.63 9.51
CA GLU A 72 11.99 16.88 10.66
C GLU A 72 11.62 15.46 10.24
N TYR A 73 11.18 15.32 9.01
CA TYR A 73 10.80 14.04 8.48
C TYR A 73 11.40 13.74 7.11
N VAL A 74 12.01 12.56 6.98
CA VAL A 74 12.52 12.14 5.69
C VAL A 74 11.85 10.76 5.46
N ILE A 75 11.40 10.50 4.25
CA ILE A 75 10.73 9.26 3.89
C ILE A 75 11.53 8.56 2.81
N VAL A 76 12.10 7.41 3.12
CA VAL A 76 12.86 6.67 2.10
C VAL A 76 11.90 5.77 1.34
N ALA A 77 11.55 6.12 0.11
CA ALA A 77 10.61 5.32 -0.65
C ALA A 77 11.31 4.56 -1.75
N ILE A 78 12.59 4.28 -1.54
CA ILE A 78 13.31 3.51 -2.54
C ILE A 78 12.60 2.16 -2.60
N GLY A 79 12.52 1.56 -3.78
CA GLY A 79 11.83 0.29 -3.89
C GLY A 79 12.73 -0.91 -4.12
N ALA A 80 12.76 -1.39 -5.36
CA ALA A 80 13.55 -2.54 -5.72
C ALA A 80 15.05 -2.31 -5.70
N ASN A 81 15.53 -1.76 -4.59
CA ASN A 81 16.97 -1.54 -4.44
C ASN A 81 17.24 -1.39 -2.95
N ILE A 82 17.01 -2.48 -2.25
CA ILE A 82 17.19 -2.51 -0.81
C ILE A 82 18.56 -1.97 -0.47
N GLN A 83 19.49 -2.15 -1.40
CA GLN A 83 20.86 -1.69 -1.22
C GLN A 83 20.96 -0.21 -0.81
N ALA A 84 20.44 0.65 -1.69
CA ALA A 84 20.45 2.09 -1.45
C ALA A 84 19.53 2.42 -0.28
N SER A 85 18.32 1.89 -0.35
CA SER A 85 17.28 2.09 0.66
C SER A 85 17.81 2.04 2.09
N THR A 86 18.64 1.04 2.36
CA THR A 86 19.20 0.86 3.69
C THR A 86 20.39 1.77 3.95
N LEU A 87 21.26 1.94 2.96
CA LEU A 87 22.43 2.82 3.06
C LEU A 87 21.94 4.25 3.34
N THR A 88 20.96 4.67 2.56
CA THR A 88 20.37 5.97 2.72
C THR A 88 19.93 6.12 4.17
N THR A 89 18.97 5.25 4.55
CA THR A 89 18.42 5.23 5.91
C THR A 89 19.54 5.26 6.93
N LEU A 90 20.58 4.49 6.65
CA LEU A 90 21.72 4.40 7.56
C LEU A 90 22.51 5.71 7.57
N LEU A 91 22.48 6.41 6.45
CA LEU A 91 23.17 7.69 6.35
C LEU A 91 22.29 8.70 7.08
N LEU A 92 20.99 8.68 6.77
CA LEU A 92 20.06 9.60 7.42
C LEU A 92 20.24 9.51 8.94
N LYS A 93 20.42 8.29 9.43
CA LYS A 93 20.57 8.08 10.87
C LYS A 93 21.76 8.86 11.37
N GLU A 94 22.79 8.91 10.54
CA GLU A 94 24.02 9.61 10.88
C GLU A 94 23.76 11.09 11.14
N LEU A 95 23.05 11.74 10.22
CA LEU A 95 22.77 13.17 10.35
C LEU A 95 21.79 13.49 11.48
N ASP A 96 21.42 12.49 12.28
CA ASP A 96 20.50 12.71 13.38
C ASP A 96 19.14 13.24 12.95
N ILE A 97 18.66 12.73 11.83
CA ILE A 97 17.37 13.17 11.33
C ILE A 97 16.26 12.62 12.25
N PRO A 98 15.58 13.50 12.99
CA PRO A 98 14.50 13.22 13.94
C PRO A 98 13.63 11.99 13.61
N ASN A 99 12.90 12.05 12.52
CA ASN A 99 12.03 10.95 12.11
C ASN A 99 12.34 10.47 10.70
N ILE A 100 12.61 9.18 10.55
CA ILE A 100 12.87 8.63 9.25
C ILE A 100 11.95 7.45 9.07
N TRP A 101 11.11 7.50 8.04
CA TRP A 101 10.16 6.43 7.76
C TRP A 101 10.66 5.78 6.50
N VAL A 102 10.69 4.45 6.45
CA VAL A 102 11.15 3.78 5.27
C VAL A 102 10.22 2.68 4.81
N LYS A 103 10.13 2.51 3.50
CA LYS A 103 9.32 1.47 2.90
C LYS A 103 10.23 0.27 2.96
N ALA A 104 9.64 -0.88 3.30
CA ALA A 104 10.38 -2.11 3.38
C ALA A 104 10.05 -2.93 2.13
N GLN A 105 11.06 -3.51 1.50
CA GLN A 105 10.80 -4.30 0.31
C GLN A 105 10.30 -5.70 0.63
N ASN A 106 10.83 -6.29 1.70
CA ASN A 106 10.45 -7.63 2.14
C ASN A 106 10.71 -7.80 3.64
N TYR A 107 10.67 -9.06 4.08
CA TYR A 107 10.86 -9.39 5.50
C TYR A 107 12.24 -9.02 6.06
N TYR A 108 13.29 -9.34 5.32
CA TYR A 108 14.64 -9.04 5.77
C TYR A 108 14.82 -7.55 5.94
N HIS A 109 14.51 -6.83 4.86
CA HIS A 109 14.64 -5.38 4.84
C HIS A 109 13.99 -4.81 6.09
N HIS A 110 12.78 -5.29 6.40
CA HIS A 110 12.06 -4.87 7.58
C HIS A 110 12.91 -5.14 8.83
N LYS A 111 13.46 -6.35 8.91
CA LYS A 111 14.26 -6.70 10.06
C LYS A 111 15.49 -5.80 10.24
N VAL A 112 16.18 -5.48 9.15
CA VAL A 112 17.36 -4.64 9.27
C VAL A 112 16.93 -3.25 9.73
N LEU A 113 15.94 -2.70 9.05
CA LEU A 113 15.45 -1.36 9.37
C LEU A 113 15.11 -1.22 10.85
N GLU A 114 14.64 -2.31 11.46
CA GLU A 114 14.30 -2.29 12.88
C GLU A 114 15.56 -2.16 13.73
N LYS A 115 16.64 -2.72 13.22
CA LYS A 115 17.90 -2.67 13.92
C LYS A 115 18.75 -1.51 13.45
N ILE A 116 18.53 -1.08 12.21
CA ILE A 116 19.26 0.06 11.65
C ILE A 116 18.93 1.30 12.46
N GLY A 117 17.65 1.42 12.82
CA GLY A 117 17.20 2.54 13.62
C GLY A 117 16.07 3.33 12.99
N ALA A 118 15.35 2.71 12.06
CA ALA A 118 14.26 3.40 11.37
C ALA A 118 13.13 3.61 12.39
N ASP A 119 12.47 4.75 12.31
CA ASP A 119 11.39 5.06 13.23
C ASP A 119 10.03 4.48 12.84
N ARG A 120 9.86 4.17 11.55
CA ARG A 120 8.60 3.58 11.08
C ARG A 120 8.80 2.81 9.79
N ILE A 121 8.40 1.52 9.77
CA ILE A 121 8.56 0.70 8.56
C ILE A 121 7.21 0.50 7.90
N ILE A 122 7.14 0.73 6.59
CA ILE A 122 5.88 0.62 5.89
C ILE A 122 5.90 -0.51 4.88
N HIS A 123 4.86 -1.33 4.94
CA HIS A 123 4.69 -2.47 4.05
C HIS A 123 3.40 -2.13 3.32
N PRO A 124 3.49 -1.31 2.30
CA PRO A 124 2.35 -0.87 1.48
C PRO A 124 1.30 -1.93 1.27
N GLU A 125 1.75 -3.12 0.87
CA GLU A 125 0.86 -4.25 0.61
C GLU A 125 0.08 -4.74 1.84
N LYS A 126 0.82 -5.11 2.88
CA LYS A 126 0.20 -5.61 4.11
C LYS A 126 -0.55 -4.49 4.82
N ASP A 127 0.19 -3.43 5.12
CA ASP A 127 -0.34 -2.27 5.84
C ASP A 127 -1.63 -1.72 5.27
N MET A 128 -1.77 -1.78 3.95
CA MET A 128 -2.98 -1.27 3.34
C MET A 128 -4.10 -2.33 3.56
N GLY A 129 -3.67 -3.59 3.64
CA GLY A 129 -4.62 -4.68 3.86
C GLY A 129 -5.34 -4.50 5.19
N VAL A 130 -4.53 -4.21 6.20
CA VAL A 130 -5.10 -4.00 7.51
C VAL A 130 -5.94 -2.74 7.46
N LYS A 131 -5.55 -1.82 6.57
CA LYS A 131 -6.31 -0.59 6.41
C LYS A 131 -7.72 -0.90 5.90
N ILE A 132 -7.80 -1.76 4.88
CA ILE A 132 -9.10 -2.09 4.29
C ILE A 132 -9.95 -2.90 5.26
N ALA A 133 -9.30 -3.74 6.06
CA ALA A 133 -10.05 -4.53 7.01
C ALA A 133 -10.79 -3.54 7.87
N GLN A 134 -10.05 -2.54 8.32
CA GLN A 134 -10.61 -1.50 9.17
C GLN A 134 -11.82 -0.79 8.54
N SER A 135 -11.75 -0.50 7.23
CA SER A 135 -12.85 0.18 6.54
C SER A 135 -14.12 -0.67 6.40
N LEU A 136 -13.97 -1.95 6.03
CA LEU A 136 -15.11 -2.84 5.93
C LEU A 136 -15.78 -2.85 7.30
N SER A 137 -14.94 -2.96 8.33
CA SER A 137 -15.40 -2.99 9.71
C SER A 137 -16.25 -1.75 10.01
N ASP A 138 -15.77 -0.57 9.64
CA ASP A 138 -16.49 0.69 9.89
C ASP A 138 -17.73 0.87 9.01
N GLU A 139 -17.73 0.27 7.83
CA GLU A 139 -18.87 0.37 6.91
C GLU A 139 -20.10 -0.38 7.44
N ASN A 140 -19.85 -1.43 8.22
CA ASN A 140 -20.90 -2.23 8.84
C ASN A 140 -20.99 -1.94 10.34
N GLN B 8 -20.92 -12.32 5.89
CA GLN B 8 -20.76 -10.87 6.21
C GLN B 8 -19.68 -10.24 5.32
N PHE B 9 -18.47 -10.81 5.39
CA PHE B 9 -17.34 -10.33 4.59
C PHE B 9 -16.61 -11.48 3.90
N ALA B 10 -16.55 -11.43 2.58
CA ALA B 10 -15.85 -12.44 1.81
C ALA B 10 -14.59 -11.84 1.13
N VAL B 11 -13.46 -12.52 1.25
CA VAL B 11 -12.19 -12.06 0.67
C VAL B 11 -11.63 -13.10 -0.28
N ILE B 12 -11.51 -12.73 -1.54
CA ILE B 12 -10.99 -13.61 -2.60
C ILE B 12 -9.54 -13.28 -2.97
N GLY B 13 -8.63 -14.23 -2.79
CA GLY B 13 -7.23 -14.03 -3.13
C GLY B 13 -6.47 -13.70 -1.86
N LEU B 14 -5.68 -14.64 -1.37
CA LEU B 14 -4.94 -14.42 -0.13
C LEU B 14 -3.46 -14.15 -0.32
N GLY B 15 -3.17 -12.93 -0.78
CA GLY B 15 -1.80 -12.49 -0.95
C GLY B 15 -1.48 -11.56 0.20
N ARG B 16 -0.34 -10.87 0.17
CA ARG B 16 0.02 -9.98 1.27
C ARG B 16 -1.12 -8.99 1.56
N PHE B 17 -1.75 -8.50 0.50
CA PHE B 17 -2.84 -7.57 0.70
C PHE B 17 -4.08 -8.30 1.23
N GLY B 18 -4.67 -9.16 0.41
CA GLY B 18 -5.88 -9.88 0.78
C GLY B 18 -5.89 -10.65 2.11
N GLY B 19 -4.81 -11.38 2.33
CA GLY B 19 -4.68 -12.15 3.56
C GLY B 19 -4.62 -11.21 4.73
N SER B 20 -3.71 -10.25 4.63
CA SER B 20 -3.51 -9.26 5.68
C SER B 20 -4.84 -8.63 6.11
N ILE B 21 -5.83 -8.65 5.24
CA ILE B 21 -7.10 -8.06 5.63
C ILE B 21 -8.00 -9.06 6.30
N VAL B 22 -7.74 -10.33 6.03
CA VAL B 22 -8.51 -11.41 6.63
C VAL B 22 -8.14 -11.43 8.09
N LYS B 23 -6.85 -11.32 8.37
CA LYS B 23 -6.43 -11.33 9.76
C LYS B 23 -7.08 -10.21 10.55
N GLU B 24 -6.86 -8.96 10.13
CA GLU B 24 -7.43 -7.84 10.85
C GLU B 24 -8.91 -8.04 11.09
N LEU B 25 -9.60 -8.54 10.07
CA LEU B 25 -11.04 -8.75 10.18
C LEU B 25 -11.30 -9.70 11.35
N HIS B 26 -10.38 -10.66 11.48
CA HIS B 26 -10.43 -11.68 12.53
C HIS B 26 -10.13 -11.00 13.85
N ARG B 27 -8.95 -10.43 13.93
CA ARG B 27 -8.52 -9.76 15.15
C ARG B 27 -9.59 -8.85 15.76
N MET B 28 -10.43 -8.23 14.92
CA MET B 28 -11.45 -7.32 15.42
C MET B 28 -12.76 -8.04 15.70
N GLY B 29 -12.65 -9.37 15.73
CA GLY B 29 -13.80 -10.23 16.00
C GLY B 29 -14.88 -10.18 14.94
N HIS B 30 -14.51 -10.53 13.72
CA HIS B 30 -15.43 -10.51 12.59
C HIS B 30 -15.29 -11.83 11.87
N GLU B 31 -16.41 -12.31 11.32
CA GLU B 31 -16.40 -13.55 10.58
C GLU B 31 -16.03 -13.23 9.15
N VAL B 32 -15.12 -14.02 8.60
CA VAL B 32 -14.68 -13.80 7.25
C VAL B 32 -14.53 -15.08 6.46
N LEU B 33 -14.93 -15.02 5.20
CA LEU B 33 -14.79 -16.14 4.30
C LEU B 33 -13.57 -15.79 3.44
N ALA B 34 -12.51 -16.58 3.54
CA ALA B 34 -11.31 -16.35 2.74
C ALA B 34 -11.21 -17.48 1.73
N VAL B 35 -10.98 -17.14 0.46
CA VAL B 35 -10.88 -18.15 -0.60
C VAL B 35 -9.63 -17.95 -1.44
N ASP B 36 -9.19 -19.01 -2.12
CA ASP B 36 -7.99 -18.96 -2.96
C ASP B 36 -7.71 -20.32 -3.59
N ILE B 37 -7.62 -20.37 -4.93
CA ILE B 37 -7.36 -21.62 -5.65
C ILE B 37 -6.20 -22.41 -5.04
N ASN B 38 -5.09 -21.73 -4.78
CA ASN B 38 -3.92 -22.35 -4.19
C ASN B 38 -4.23 -22.80 -2.76
N GLU B 39 -4.19 -24.12 -2.54
CA GLU B 39 -4.49 -24.69 -1.23
C GLU B 39 -3.50 -24.31 -0.12
N GLU B 40 -2.23 -24.11 -0.47
CA GLU B 40 -1.23 -23.76 0.53
C GLU B 40 -1.56 -22.40 1.14
N LYS B 41 -2.10 -21.53 0.32
CA LYS B 41 -2.51 -20.21 0.75
C LYS B 41 -3.75 -20.34 1.62
N VAL B 42 -4.61 -21.30 1.30
CA VAL B 42 -5.82 -21.50 2.08
C VAL B 42 -5.53 -22.02 3.48
N ASN B 43 -4.63 -23.00 3.58
CA ASN B 43 -4.29 -23.56 4.89
C ASN B 43 -3.63 -22.50 5.77
N ALA B 44 -2.85 -21.62 5.15
CA ALA B 44 -2.15 -20.59 5.88
C ALA B 44 -3.06 -19.62 6.62
N TYR B 45 -4.34 -19.54 6.28
CA TYR B 45 -5.22 -18.60 6.97
C TYR B 45 -6.43 -19.26 7.60
N ALA B 46 -6.48 -20.59 7.49
CA ALA B 46 -7.57 -21.36 8.02
C ALA B 46 -7.85 -20.99 9.47
N SER B 47 -6.82 -20.56 10.19
CA SER B 47 -6.98 -20.20 11.60
C SER B 47 -7.55 -18.83 11.84
N TYR B 48 -7.53 -18.00 10.79
CA TYR B 48 -8.01 -16.62 10.86
C TYR B 48 -9.41 -16.41 10.30
N ALA B 49 -9.78 -17.21 9.32
CA ALA B 49 -11.10 -17.06 8.71
C ALA B 49 -12.16 -17.94 9.29
N THR B 50 -13.38 -17.44 9.36
CA THR B 50 -14.52 -18.24 9.83
C THR B 50 -14.65 -19.47 8.90
N HIS B 51 -14.05 -19.36 7.71
CA HIS B 51 -14.09 -20.42 6.70
C HIS B 51 -13.04 -20.16 5.63
N ALA B 52 -12.15 -21.12 5.42
CA ALA B 52 -11.12 -20.96 4.39
C ALA B 52 -11.31 -22.02 3.34
N VAL B 53 -11.97 -21.64 2.25
CA VAL B 53 -12.25 -22.52 1.12
C VAL B 53 -11.22 -22.44 -0.01
N ILE B 54 -11.13 -23.51 -0.80
CA ILE B 54 -10.25 -23.56 -1.95
C ILE B 54 -11.15 -23.54 -3.18
N ALA B 55 -10.90 -22.61 -4.09
CA ALA B 55 -11.75 -22.52 -5.26
C ALA B 55 -11.16 -21.59 -6.30
N ASN B 56 -11.76 -21.62 -7.49
CA ASN B 56 -11.34 -20.77 -8.59
C ASN B 56 -12.45 -19.75 -8.75
N ALA B 57 -12.21 -18.54 -8.25
CA ALA B 57 -13.18 -17.48 -8.28
C ALA B 57 -13.80 -17.24 -9.66
N THR B 58 -13.04 -17.52 -10.71
CA THR B 58 -13.51 -17.29 -12.07
C THR B 58 -14.55 -18.30 -12.52
N GLU B 59 -14.60 -19.43 -11.81
CA GLU B 59 -15.56 -20.48 -12.11
C GLU B 59 -16.93 -20.12 -11.55
N GLU B 60 -17.83 -19.68 -12.45
CA GLU B 60 -19.17 -19.27 -12.08
C GLU B 60 -19.92 -20.24 -11.16
N ASN B 61 -19.52 -21.51 -11.18
CA ASN B 61 -20.16 -22.55 -10.37
C ASN B 61 -19.60 -22.62 -8.95
N GLU B 62 -18.27 -22.69 -8.82
CA GLU B 62 -17.60 -22.76 -7.53
C GLU B 62 -18.04 -21.55 -6.69
N LEU B 63 -18.17 -20.40 -7.36
CA LEU B 63 -18.62 -19.18 -6.70
C LEU B 63 -19.97 -19.43 -6.05
N LEU B 64 -20.78 -20.24 -6.72
CA LEU B 64 -22.10 -20.57 -6.20
C LEU B 64 -22.00 -21.58 -5.06
N SER B 65 -20.91 -22.34 -5.06
CA SER B 65 -20.63 -23.36 -4.05
C SER B 65 -20.40 -22.68 -2.71
N LEU B 66 -19.90 -21.47 -2.77
CA LEU B 66 -19.61 -20.68 -1.57
C LEU B 66 -20.74 -19.74 -1.19
N GLY B 67 -21.88 -19.85 -1.88
CA GLY B 67 -22.97 -18.96 -1.55
C GLY B 67 -22.50 -17.52 -1.51
N ILE B 68 -21.48 -17.25 -2.31
CA ILE B 68 -20.88 -15.92 -2.39
C ILE B 68 -21.93 -14.82 -2.59
N ARG B 69 -23.13 -15.19 -3.03
CA ARG B 69 -24.16 -14.20 -3.27
C ARG B 69 -24.80 -13.75 -1.96
N ASN B 70 -24.45 -14.42 -0.87
CA ASN B 70 -25.00 -14.11 0.45
C ASN B 70 -24.13 -13.13 1.26
N PHE B 71 -23.09 -12.60 0.63
CA PHE B 71 -22.23 -11.67 1.33
C PHE B 71 -22.47 -10.23 0.89
N GLU B 72 -22.50 -9.33 1.87
CA GLU B 72 -22.70 -7.89 1.64
C GLU B 72 -21.45 -7.26 1.02
N TYR B 73 -20.29 -7.81 1.36
CA TYR B 73 -19.03 -7.34 0.85
C TYR B 73 -18.12 -8.46 0.37
N VAL B 74 -17.58 -8.32 -0.81
CA VAL B 74 -16.63 -9.29 -1.31
C VAL B 74 -15.42 -8.43 -1.73
N ILE B 75 -14.21 -8.89 -1.45
CA ILE B 75 -12.99 -8.17 -1.75
C ILE B 75 -12.17 -8.98 -2.75
N VAL B 76 -12.01 -8.49 -3.98
CA VAL B 76 -11.18 -9.23 -4.93
C VAL B 76 -9.74 -8.77 -4.72
N ALA B 77 -8.91 -9.62 -4.11
CA ALA B 77 -7.51 -9.25 -3.84
C ALA B 77 -6.54 -9.94 -4.77
N ILE B 78 -7.03 -10.41 -5.91
CA ILE B 78 -6.20 -11.09 -6.90
C ILE B 78 -5.08 -10.12 -7.26
N GLY B 79 -3.86 -10.61 -7.40
CA GLY B 79 -2.75 -9.72 -7.72
C GLY B 79 -2.27 -9.74 -9.15
N ALA B 80 -1.09 -10.34 -9.37
CA ALA B 80 -0.49 -10.42 -10.71
C ALA B 80 -1.28 -11.34 -11.65
N ASN B 81 -2.57 -11.06 -11.79
CA ASN B 81 -3.45 -11.84 -12.63
C ASN B 81 -4.62 -10.95 -13.03
N ILE B 82 -4.33 -9.97 -13.90
CA ILE B 82 -5.36 -9.03 -14.34
C ILE B 82 -6.53 -9.78 -14.97
N GLN B 83 -6.29 -11.04 -15.33
CA GLN B 83 -7.30 -11.92 -15.92
C GLN B 83 -8.45 -12.27 -14.96
N ALA B 84 -8.14 -13.10 -13.96
CA ALA B 84 -9.14 -13.53 -12.98
C ALA B 84 -9.67 -12.34 -12.20
N SER B 85 -8.78 -11.42 -11.86
CA SER B 85 -9.18 -10.23 -11.09
C SER B 85 -10.37 -9.57 -11.78
N THR B 86 -10.28 -9.51 -13.09
CA THR B 86 -11.32 -8.87 -13.87
C THR B 86 -12.54 -9.77 -14.10
N LEU B 87 -12.29 -11.05 -14.35
CA LEU B 87 -13.36 -12.02 -14.62
C LEU B 87 -14.21 -12.17 -13.37
N THR B 88 -13.53 -12.34 -12.25
CA THR B 88 -14.18 -12.49 -10.97
C THR B 88 -15.11 -11.30 -10.70
N THR B 89 -14.55 -10.09 -10.79
CA THR B 89 -15.29 -8.86 -10.53
C THR B 89 -16.54 -8.83 -11.39
N LEU B 90 -16.42 -9.37 -12.59
CA LEU B 90 -17.54 -9.38 -13.51
C LEU B 90 -18.61 -10.34 -13.00
N LEU B 91 -18.17 -11.58 -12.71
CA LEU B 91 -19.04 -12.64 -12.19
C LEU B 91 -19.75 -12.13 -10.96
N LEU B 92 -18.98 -11.57 -10.02
CA LEU B 92 -19.55 -11.05 -8.78
C LEU B 92 -20.59 -9.98 -9.07
N LYS B 93 -20.30 -9.16 -10.09
CA LYS B 93 -21.19 -8.09 -10.48
C LYS B 93 -22.52 -8.64 -10.98
N GLU B 94 -22.52 -9.91 -11.37
CA GLU B 94 -23.73 -10.58 -11.86
C GLU B 94 -24.55 -11.10 -10.69
N LEU B 95 -23.87 -11.69 -9.71
CA LEU B 95 -24.53 -12.22 -8.52
C LEU B 95 -25.18 -11.08 -7.76
N ASP B 96 -25.10 -9.87 -8.32
CA ASP B 96 -25.65 -8.67 -7.70
C ASP B 96 -25.07 -8.39 -6.32
N ILE B 97 -23.81 -8.76 -6.14
CA ILE B 97 -23.11 -8.53 -4.87
C ILE B 97 -23.01 -7.03 -4.58
N PRO B 98 -23.76 -6.57 -3.56
CA PRO B 98 -23.86 -5.20 -3.07
C PRO B 98 -22.60 -4.34 -3.22
N ASN B 99 -21.55 -4.73 -2.53
CA ASN B 99 -20.29 -3.99 -2.57
C ASN B 99 -19.15 -4.91 -2.98
N ILE B 100 -18.46 -4.55 -4.04
CA ILE B 100 -17.32 -5.35 -4.45
C ILE B 100 -16.12 -4.40 -4.53
N TRP B 101 -15.11 -4.67 -3.72
CA TRP B 101 -13.88 -3.87 -3.70
C TRP B 101 -12.78 -4.69 -4.37
N VAL B 102 -12.06 -4.10 -5.31
CA VAL B 102 -10.99 -4.81 -6.01
C VAL B 102 -9.62 -4.11 -6.02
N LYS B 103 -8.57 -4.91 -5.93
CA LYS B 103 -7.22 -4.41 -5.95
C LYS B 103 -6.96 -4.26 -7.42
N ALA B 104 -6.35 -3.15 -7.80
CA ALA B 104 -6.01 -2.92 -9.19
C ALA B 104 -4.52 -3.19 -9.32
N GLN B 105 -4.14 -3.86 -10.40
CA GLN B 105 -2.72 -4.19 -10.64
C GLN B 105 -1.97 -3.02 -11.31
N ASN B 106 -2.60 -2.37 -12.26
CA ASN B 106 -1.99 -1.23 -12.96
C ASN B 106 -3.10 -0.22 -13.33
N TYR B 107 -2.72 0.81 -14.08
CA TYR B 107 -3.65 1.84 -14.49
C TYR B 107 -4.79 1.28 -15.38
N TYR B 108 -4.40 0.62 -16.46
CA TYR B 108 -5.39 0.03 -17.38
C TYR B 108 -6.43 -0.76 -16.57
N HIS B 109 -5.94 -1.55 -15.63
CA HIS B 109 -6.81 -2.36 -14.82
C HIS B 109 -7.83 -1.48 -14.12
N HIS B 110 -7.37 -0.40 -13.52
CA HIS B 110 -8.22 0.54 -12.78
C HIS B 110 -9.36 1.03 -13.68
N LYS B 111 -9.04 1.26 -14.94
CA LYS B 111 -10.05 1.77 -15.84
C LYS B 111 -11.13 0.74 -16.14
N VAL B 112 -10.74 -0.49 -16.41
CA VAL B 112 -11.71 -1.52 -16.71
C VAL B 112 -12.57 -1.68 -15.46
N LEU B 113 -11.91 -1.79 -14.33
CA LEU B 113 -12.60 -1.95 -13.05
C LEU B 113 -13.66 -0.86 -12.84
N GLU B 114 -13.33 0.40 -13.14
CA GLU B 114 -14.29 1.49 -12.97
C GLU B 114 -15.53 1.24 -13.82
N LYS B 115 -15.27 1.06 -15.10
CA LYS B 115 -16.35 0.83 -16.03
C LYS B 115 -17.08 -0.49 -15.77
N ILE B 116 -16.33 -1.53 -15.40
CA ILE B 116 -16.90 -2.83 -15.11
C ILE B 116 -18.04 -2.63 -14.10
N GLY B 117 -17.75 -1.84 -13.06
CA GLY B 117 -18.76 -1.56 -12.05
C GLY B 117 -18.31 -1.76 -10.61
N ALA B 118 -16.99 -1.84 -10.40
CA ALA B 118 -16.42 -2.05 -9.06
C ALA B 118 -16.79 -0.85 -8.19
N ASP B 119 -17.09 -1.10 -6.92
CA ASP B 119 -17.48 -0.04 -5.97
C ASP B 119 -16.31 0.71 -5.33
N ARG B 120 -15.13 0.08 -5.32
CA ARG B 120 -13.93 0.70 -4.76
C ARG B 120 -12.68 0.04 -5.37
N ILE B 121 -11.71 0.82 -5.85
CA ILE B 121 -10.52 0.22 -6.45
C ILE B 121 -9.39 0.54 -5.53
N ILE B 122 -8.55 -0.44 -5.21
CA ILE B 122 -7.45 -0.16 -4.31
C ILE B 122 -6.10 -0.31 -5.00
N HIS B 123 -5.26 0.71 -4.82
CA HIS B 123 -3.90 0.74 -5.38
C HIS B 123 -3.02 0.74 -4.14
N PRO B 124 -2.84 -0.44 -3.53
CA PRO B 124 -2.04 -0.64 -2.32
C PRO B 124 -0.82 0.27 -2.17
N GLU B 125 -0.11 0.45 -3.28
CA GLU B 125 1.09 1.29 -3.28
C GLU B 125 0.77 2.77 -3.11
N LYS B 126 0.00 3.30 -4.07
CA LYS B 126 -0.40 4.70 -4.08
C LYS B 126 -1.29 5.03 -2.88
N ASP B 127 -2.34 4.25 -2.71
CA ASP B 127 -3.25 4.49 -1.59
C ASP B 127 -2.52 4.57 -0.25
N MET B 128 -1.47 3.76 -0.11
CA MET B 128 -0.74 3.77 1.13
C MET B 128 0.00 5.10 1.25
N GLY B 129 0.41 5.59 0.09
CA GLY B 129 1.08 6.89 -0.03
C GLY B 129 0.19 7.97 0.54
N VAL B 130 -1.03 8.06 0.02
CA VAL B 130 -1.95 9.10 0.50
C VAL B 130 -2.11 9.00 1.99
N LYS B 131 -2.18 7.77 2.50
CA LYS B 131 -2.39 7.59 3.93
C LYS B 131 -1.15 8.00 4.68
N ILE B 132 -0.01 7.86 4.03
CA ILE B 132 1.24 8.24 4.66
C ILE B 132 1.41 9.74 4.75
N ALA B 133 1.04 10.44 3.68
CA ALA B 133 1.14 11.89 3.61
C ALA B 133 0.17 12.43 4.63
N GLN B 134 -0.98 11.77 4.71
CA GLN B 134 -2.02 12.13 5.64
C GLN B 134 -1.49 12.00 7.08
N SER B 135 -0.80 10.90 7.33
CA SER B 135 -0.29 10.67 8.67
C SER B 135 0.69 11.77 8.99
N LEU B 136 1.66 11.99 8.09
CA LEU B 136 2.67 13.04 8.24
C LEU B 136 2.01 14.38 8.52
N SER B 137 0.98 14.67 7.74
CA SER B 137 0.24 15.91 7.90
C SER B 137 -0.33 16.03 9.31
N ASP B 138 -1.05 15.00 9.79
CA ASP B 138 -1.63 15.01 11.14
C ASP B 138 -0.57 15.33 12.21
N GLU B 139 0.55 14.63 12.13
CA GLU B 139 1.64 14.79 13.08
C GLU B 139 1.95 16.25 13.34
N ASN B 140 1.82 17.08 12.31
CA ASN B 140 2.12 18.51 12.44
C ASN B 140 0.96 19.45 12.57
N VAL B 141 -0.08 19.24 11.79
CA VAL B 141 -1.26 20.12 11.85
C VAL B 141 -1.92 19.97 13.22
N LEU B 142 -2.46 18.79 13.53
CA LEU B 142 -3.08 18.52 14.84
C LEU B 142 -2.01 18.74 15.91
N ASN B 143 -0.76 18.61 15.47
CA ASN B 143 0.41 18.79 16.31
C ASN B 143 0.45 17.76 17.44
N TYR B 144 1.02 16.60 17.14
CA TYR B 144 1.13 15.52 18.10
C TYR B 144 2.23 14.55 17.74
#